data_3AVH
#
_entry.id   3AVH
#
_cell.length_a   70.779
_cell.length_b   70.779
_cell.length_c   67.365
_cell.angle_alpha   90.000
_cell.angle_beta   90.000
_cell.angle_gamma   120.000
#
_symmetry.space_group_name_H-M   'P 31'
#
loop_
_entity.id
_entity.type
_entity.pdbx_description
1 polymer Integrase
2 polymer 'LEDGF peptide'
3 non-polymer 'SULFATE ION'
4 non-polymer 'CHLORIDE ION'
5 non-polymer 'ACETIC ACID'
6 water water
#
loop_
_entity_poly.entity_id
_entity_poly.type
_entity_poly.pdbx_seq_one_letter_code
_entity_poly.pdbx_strand_id
1 'polypeptide(L)'
;MGSSHHHHHHSSGLVPRGSHMHGQVDSSPGIWQLDCTHLEGKVILVAVHVASGYIEAEVIPAETGQETAYFLLKLAGRWP
VKTVHTDNGSNFTSTTVKAACWWAGIKQEDGIPYNPQSQGVIESMNKELKKIIGQVRDQAEHLKTAVQMAVFIHNHKRKG
GIGGYSAGERIVDIIATDIQTKE
;
A,B
2 'polypeptide(L)' ARKIDNLD E,F
#
loop_
_chem_comp.id
_chem_comp.type
_chem_comp.name
_chem_comp.formula
ACY non-polymer 'ACETIC ACID' 'C2 H4 O2'
CL non-polymer 'CHLORIDE ION' 'Cl -1'
SO4 non-polymer 'SULFATE ION' 'O4 S -2'
#
# COMPACT_ATOMS: atom_id res chain seq x y z
N SER A 28 5.75 -20.37 -0.21
CA SER A 28 4.52 -19.78 -0.86
C SER A 28 3.69 -18.67 -0.11
N PRO A 29 3.79 -18.54 1.25
CA PRO A 29 3.24 -17.25 1.71
C PRO A 29 4.00 -15.97 1.27
N GLY A 30 5.29 -16.08 0.88
CA GLY A 30 6.07 -14.87 0.49
C GLY A 30 6.17 -14.65 -1.05
N ILE A 31 5.38 -15.36 -1.86
CA ILE A 31 5.62 -15.35 -3.29
C ILE A 31 4.63 -14.43 -4.00
N TRP A 32 5.12 -13.47 -4.80
CA TRP A 32 4.28 -12.57 -5.51
C TRP A 32 4.69 -12.57 -7.01
N GLN A 33 3.73 -12.15 -7.87
CA GLN A 33 3.88 -12.08 -9.35
CA GLN A 33 3.97 -12.03 -9.31
C GLN A 33 3.55 -10.68 -9.79
N LEU A 34 4.43 -10.07 -10.57
CA LEU A 34 4.14 -8.76 -11.13
C LEU A 34 3.41 -8.95 -12.43
N ASP A 35 2.64 -7.94 -12.80
CA ASP A 35 1.78 -8.05 -13.99
C ASP A 35 1.57 -6.62 -14.49
N CYS A 36 1.61 -6.40 -15.80
CA CYS A 36 1.54 -4.99 -16.26
C CYS A 36 0.44 -5.04 -17.33
N THR A 37 -0.54 -4.17 -17.28
CA THR A 37 -1.63 -4.15 -18.28
C THR A 37 -1.85 -2.69 -18.72
N HIS A 38 -2.49 -2.43 -19.88
CA HIS A 38 -2.66 -1.06 -20.34
C HIS A 38 -4.13 -0.66 -20.43
N LEU A 39 -4.40 0.62 -20.20
CA LEU A 39 -5.74 1.17 -20.36
C LEU A 39 -5.60 2.67 -20.51
N GLU A 40 -6.41 3.26 -21.40
CA GLU A 40 -6.40 4.71 -21.58
C GLU A 40 -5.03 5.32 -21.81
N GLY A 41 -4.14 4.62 -22.50
CA GLY A 41 -2.82 5.22 -22.83
C GLY A 41 -1.92 5.18 -21.64
N LYS A 42 -2.35 4.50 -20.57
CA LYS A 42 -1.46 4.42 -19.37
C LYS A 42 -1.23 2.95 -19.03
N VAL A 43 -0.38 2.73 -18.03
CA VAL A 43 0.05 1.45 -17.61
C VAL A 43 -0.44 1.21 -16.15
N ILE A 44 -1.06 0.08 -15.93
CA ILE A 44 -1.47 -0.34 -14.57
C ILE A 44 -0.48 -1.42 -14.18
N LEU A 45 0.33 -1.16 -13.14
CA LEU A 45 1.25 -2.20 -12.69
C LEU A 45 0.60 -2.89 -11.48
N VAL A 46 0.63 -4.24 -11.46
CA VAL A 46 -0.14 -5.03 -10.47
C VAL A 46 0.85 -6.04 -9.85
N ALA A 47 0.78 -6.20 -8.55
CA ALA A 47 1.47 -7.30 -7.84
C ALA A 47 0.38 -8.21 -7.33
N VAL A 48 0.49 -9.49 -7.69
CA VAL A 48 -0.43 -10.56 -7.19
C VAL A 48 0.26 -11.48 -6.20
N HIS A 49 -0.32 -11.62 -5.01
CA HIS A 49 0.05 -12.62 -4.07
C HIS A 49 -0.48 -13.98 -4.52
N VAL A 50 0.43 -14.80 -5.02
CA VAL A 50 0.00 -15.95 -5.88
C VAL A 50 -0.96 -16.91 -5.11
N ALA A 51 -0.68 -17.17 -3.85
CA ALA A 51 -1.46 -18.20 -3.12
C ALA A 51 -2.87 -17.71 -2.78
N SER A 52 -3.07 -16.38 -2.58
CA SER A 52 -4.39 -15.84 -2.25
C SER A 52 -5.14 -15.19 -3.34
N GLY A 53 -4.46 -14.71 -4.36
CA GLY A 53 -5.08 -13.83 -5.37
C GLY A 53 -5.23 -12.36 -4.94
N TYR A 54 -4.70 -12.01 -3.78
CA TYR A 54 -4.82 -10.60 -3.32
C TYR A 54 -3.92 -9.75 -4.21
N ILE A 55 -4.32 -8.51 -4.51
CA ILE A 55 -3.47 -7.60 -5.32
C ILE A 55 -3.21 -6.21 -4.75
N GLU A 56 -2.09 -5.60 -5.18
CA GLU A 56 -1.87 -4.15 -5.03
C GLU A 56 -1.65 -3.63 -6.46
N ALA A 57 -1.94 -2.35 -6.72
CA ALA A 57 -1.80 -1.93 -8.12
C ALA A 57 -1.56 -0.42 -8.08
N GLU A 58 -0.89 0.09 -9.13
CA GLU A 58 -0.74 1.53 -9.30
CA GLU A 58 -0.75 1.53 -9.28
C GLU A 58 -0.86 1.89 -10.77
N VAL A 59 -1.25 3.14 -11.05
CA VAL A 59 -1.19 3.67 -12.39
C VAL A 59 0.09 4.49 -12.58
N ILE A 60 0.86 4.22 -13.64
CA ILE A 60 2.11 4.98 -13.99
C ILE A 60 2.06 5.37 -15.51
N PRO A 61 2.79 6.43 -15.95
CA PRO A 61 2.66 6.84 -17.37
C PRO A 61 3.30 5.81 -18.30
N ALA A 62 4.35 5.12 -17.81
CA ALA A 62 5.05 4.10 -18.62
C ALA A 62 5.73 3.13 -17.67
N GLU A 63 5.96 1.89 -18.06
CA GLU A 63 6.66 0.99 -17.13
C GLU A 63 8.15 1.22 -17.33
N THR A 64 8.87 1.65 -16.30
CA THR A 64 10.28 1.85 -16.35
C THR A 64 10.84 1.04 -15.18
N GLY A 65 12.13 0.70 -15.22
CA GLY A 65 12.77 0.02 -14.07
C GLY A 65 12.66 0.91 -12.80
N GLN A 66 12.86 2.23 -12.91
CA GLN A 66 12.67 3.10 -11.67
C GLN A 66 11.26 2.99 -11.07
N GLU A 67 10.24 3.01 -11.91
CA GLU A 67 8.84 2.93 -11.40
C GLU A 67 8.63 1.55 -10.82
N THR A 68 9.14 0.53 -11.52
CA THR A 68 8.96 -0.83 -10.98
C THR A 68 9.64 -1.02 -9.63
N ALA A 69 10.87 -0.52 -9.54
CA ALA A 69 11.68 -0.63 -8.31
C ALA A 69 10.96 0.08 -7.14
N TYR A 70 10.38 1.25 -7.42
CA TYR A 70 9.73 1.99 -6.31
C TYR A 70 8.48 1.20 -5.83
N PHE A 71 7.71 0.72 -6.81
CA PHE A 71 6.53 -0.08 -6.50
C PHE A 71 6.90 -1.30 -5.61
N LEU A 72 7.98 -2.04 -5.94
CA LEU A 72 8.37 -3.21 -5.15
C LEU A 72 8.85 -2.80 -3.73
N LEU A 73 9.53 -1.63 -3.65
CA LEU A 73 9.99 -1.14 -2.31
C LEU A 73 8.73 -0.85 -1.47
N LYS A 74 7.70 -0.21 -2.07
CA LYS A 74 6.41 -0.01 -1.34
CA LYS A 74 6.41 0.00 -1.32
C LYS A 74 5.77 -1.34 -0.89
N LEU A 75 5.68 -2.29 -1.83
CA LEU A 75 5.03 -3.54 -1.52
C LEU A 75 5.76 -4.25 -0.35
N ALA A 76 7.09 -4.34 -0.45
CA ALA A 76 7.86 -5.10 0.57
C ALA A 76 7.87 -4.44 1.99
N GLY A 77 7.65 -3.12 2.06
CA GLY A 77 7.49 -2.49 3.43
C GLY A 77 6.12 -2.83 3.99
N ARG A 78 5.14 -3.32 3.16
CA ARG A 78 3.78 -3.55 3.63
C ARG A 78 3.45 -5.02 3.89
N TRP A 79 4.01 -5.95 3.10
CA TRP A 79 3.81 -7.44 3.26
C TRP A 79 5.18 -8.08 3.21
N PRO A 80 5.31 -9.32 3.74
CA PRO A 80 6.63 -9.98 3.83
C PRO A 80 6.89 -10.65 2.50
N VAL A 81 7.49 -9.92 1.62
CA VAL A 81 7.70 -10.32 0.26
C VAL A 81 9.05 -11.13 0.25
N LYS A 82 8.99 -12.43 0.03
CA LYS A 82 10.24 -13.22 -0.10
C LYS A 82 10.77 -13.29 -1.54
N THR A 83 9.86 -13.49 -2.49
CA THR A 83 10.22 -13.73 -3.89
C THR A 83 9.30 -12.94 -4.83
N VAL A 84 9.85 -12.23 -5.83
CA VAL A 84 8.94 -11.65 -6.87
CA VAL A 84 8.98 -11.60 -6.86
C VAL A 84 9.30 -12.26 -8.22
N HIS A 85 8.27 -12.83 -8.88
CA HIS A 85 8.37 -13.21 -10.34
C HIS A 85 8.07 -11.97 -11.14
N THR A 86 9.10 -11.51 -11.88
CA THR A 86 8.95 -10.27 -12.64
CA THR A 86 8.99 -10.30 -12.60
C THR A 86 8.03 -10.51 -13.82
N ASP A 87 7.45 -9.41 -14.32
CA ASP A 87 6.41 -9.53 -15.36
C ASP A 87 7.02 -9.65 -16.77
N ASN A 88 8.26 -9.23 -16.94
CA ASN A 88 8.93 -9.37 -18.29
C ASN A 88 10.45 -9.35 -18.13
N GLY A 89 11.15 -9.53 -19.23
CA GLY A 89 12.61 -9.64 -19.19
C GLY A 89 13.27 -8.31 -18.90
N SER A 90 12.66 -7.18 -19.29
CA SER A 90 13.26 -5.87 -19.10
C SER A 90 13.34 -5.61 -17.55
N ASN A 91 12.23 -5.86 -16.84
CA ASN A 91 12.28 -5.66 -15.34
C ASN A 91 13.12 -6.76 -14.70
N PHE A 92 13.20 -7.95 -15.28
CA PHE A 92 14.18 -8.92 -14.69
C PHE A 92 15.63 -8.41 -14.84
N THR A 93 15.95 -7.90 -16.04
CA THR A 93 17.28 -7.38 -16.32
C THR A 93 17.65 -6.09 -15.57
N SER A 94 16.68 -5.20 -15.41
CA SER A 94 16.92 -3.84 -14.92
C SER A 94 17.81 -3.81 -13.63
N THR A 95 18.91 -3.02 -13.66
CA THR A 95 19.79 -3.03 -12.48
C THR A 95 19.07 -2.24 -11.31
N THR A 96 18.20 -1.29 -11.68
CA THR A 96 17.44 -0.58 -10.64
C THR A 96 16.47 -1.50 -9.93
N VAL A 97 15.73 -2.31 -10.72
CA VAL A 97 14.85 -3.29 -10.07
C VAL A 97 15.71 -4.23 -9.20
N LYS A 98 16.83 -4.73 -9.72
CA LYS A 98 17.63 -5.63 -8.84
C LYS A 98 18.10 -4.90 -7.54
N ALA A 99 18.51 -3.66 -7.68
CA ALA A 99 18.94 -2.84 -6.52
C ALA A 99 17.77 -2.73 -5.52
N ALA A 100 16.53 -2.48 -5.96
CA ALA A 100 15.40 -2.46 -4.97
C ALA A 100 15.16 -3.79 -4.35
N CYS A 101 15.33 -4.89 -5.14
CA CYS A 101 15.13 -6.24 -4.57
C CYS A 101 16.23 -6.53 -3.52
N TRP A 102 17.46 -6.10 -3.84
CA TRP A 102 18.56 -6.23 -2.85
C TRP A 102 18.17 -5.45 -1.59
N TRP A 103 17.79 -4.19 -1.75
CA TRP A 103 17.57 -3.31 -0.58
C TRP A 103 16.51 -3.96 0.33
N ALA A 104 15.38 -4.33 -0.27
CA ALA A 104 14.22 -4.88 0.46
C ALA A 104 14.33 -6.37 0.84
N GLY A 105 15.44 -7.01 0.50
CA GLY A 105 15.57 -8.46 0.87
C GLY A 105 14.62 -9.37 0.03
N ILE A 106 14.41 -9.02 -1.24
CA ILE A 106 13.54 -9.84 -2.13
C ILE A 106 14.41 -10.65 -3.08
N LYS A 107 14.07 -11.95 -3.27
CA LYS A 107 14.73 -12.74 -4.33
C LYS A 107 13.99 -12.41 -5.64
N GLN A 108 14.71 -11.87 -6.62
CA GLN A 108 14.06 -11.49 -7.88
C GLN A 108 14.13 -12.71 -8.82
N GLU A 109 13.02 -13.15 -9.41
CA GLU A 109 13.01 -14.36 -10.24
C GLU A 109 12.37 -14.01 -11.59
N ASP A 110 12.47 -14.88 -12.59
CA ASP A 110 11.85 -14.65 -13.91
C ASP A 110 10.34 -15.00 -13.77
N GLY A 111 9.52 -14.90 -14.80
CA GLY A 111 8.07 -15.17 -14.64
C GLY A 111 7.63 -16.15 -15.71
N ILE A 112 8.58 -16.98 -16.09
CA ILE A 112 8.30 -18.06 -17.10
CA ILE A 112 8.24 -18.03 -17.11
C ILE A 112 7.12 -18.96 -16.58
N PRO A 113 6.03 -19.12 -17.39
CA PRO A 113 4.90 -19.94 -16.86
C PRO A 113 5.20 -21.42 -17.09
N TYR A 114 6.16 -21.93 -16.35
CA TYR A 114 6.47 -23.36 -16.41
C TYR A 114 5.20 -24.15 -16.13
N ASN A 115 4.32 -23.58 -15.30
CA ASN A 115 2.95 -24.04 -15.20
C ASN A 115 2.07 -23.17 -16.11
N PRO A 116 1.60 -23.77 -17.22
CA PRO A 116 0.95 -22.92 -18.23
C PRO A 116 -0.38 -22.35 -17.64
N GLN A 117 -0.86 -22.95 -16.54
CA GLN A 117 -2.05 -22.36 -15.83
C GLN A 117 -1.84 -20.85 -15.41
N SER A 118 -0.60 -20.48 -15.07
CA SER A 118 -0.28 -19.09 -14.64
C SER A 118 -0.64 -18.11 -15.71
N GLN A 119 -0.30 -18.46 -16.93
CA GLN A 119 -0.57 -17.60 -18.03
C GLN A 119 -2.11 -17.27 -18.10
N GLY A 120 -2.99 -18.29 -17.97
CA GLY A 120 -4.42 -18.03 -18.14
C GLY A 120 -4.98 -17.29 -16.91
N VAL A 121 -4.43 -17.54 -15.72
CA VAL A 121 -4.91 -16.91 -14.48
C VAL A 121 -4.66 -15.37 -14.56
N ILE A 122 -3.47 -14.96 -15.00
N ILE A 122 -3.48 -14.95 -15.00
CA ILE A 122 -3.16 -13.53 -15.19
CA ILE A 122 -3.18 -13.52 -15.14
C ILE A 122 -4.05 -12.84 -16.21
C ILE A 122 -4.03 -12.83 -16.21
N GLU A 123 -4.22 -13.47 -17.37
CA GLU A 123 -5.08 -12.91 -18.43
C GLU A 123 -6.49 -12.72 -17.87
N SER A 124 -7.00 -13.69 -17.12
CA SER A 124 -8.37 -13.64 -16.61
C SER A 124 -8.41 -12.58 -15.56
N MET A 125 -7.34 -12.47 -14.76
CA MET A 125 -7.35 -11.38 -13.79
C MET A 125 -7.35 -10.01 -14.45
N ASN A 126 -6.56 -9.83 -15.52
CA ASN A 126 -6.53 -8.53 -16.11
C ASN A 126 -7.90 -8.21 -16.73
N LYS A 127 -8.49 -9.22 -17.35
CA LYS A 127 -9.85 -8.98 -17.93
C LYS A 127 -10.87 -8.61 -16.84
N GLU A 128 -10.86 -9.32 -15.71
CA GLU A 128 -11.73 -8.96 -14.56
C GLU A 128 -11.44 -7.53 -14.06
N LEU A 129 -10.15 -7.19 -13.83
N LEU A 129 -10.15 -7.22 -13.87
CA LEU A 129 -9.88 -5.82 -13.37
CA LEU A 129 -9.76 -5.89 -13.42
C LEU A 129 -10.38 -4.76 -14.33
C LEU A 129 -10.33 -4.80 -14.32
N LYS A 130 -10.15 -4.97 -15.63
CA LYS A 130 -10.65 -3.97 -16.63
C LYS A 130 -12.20 -3.91 -16.63
N LYS A 131 -12.82 -5.04 -16.43
CA LYS A 131 -14.29 -5.00 -16.36
C LYS A 131 -14.71 -4.15 -15.14
N ILE A 132 -14.07 -4.34 -14.00
CA ILE A 132 -14.42 -3.57 -12.80
C ILE A 132 -14.15 -2.11 -13.01
N ILE A 133 -12.98 -1.80 -13.57
CA ILE A 133 -12.65 -0.44 -13.86
C ILE A 133 -13.76 0.25 -14.73
N GLY A 134 -14.30 -0.48 -15.74
CA GLY A 134 -15.42 0.13 -16.55
C GLY A 134 -16.68 0.31 -15.73
N GLN A 135 -16.98 -0.59 -14.80
CA GLN A 135 -18.17 -0.45 -13.99
C GLN A 135 -18.01 0.79 -13.02
N VAL A 136 -16.77 1.17 -12.70
CA VAL A 136 -16.61 2.35 -11.77
C VAL A 136 -16.18 3.57 -12.47
N ARG A 137 -15.82 3.40 -13.77
CA ARG A 137 -15.02 4.46 -14.43
C ARG A 137 -15.70 5.83 -14.35
N ASP A 138 -17.00 5.85 -14.44
CA ASP A 138 -17.65 7.13 -14.40
C ASP A 138 -17.89 7.76 -12.95
N GLN A 139 -17.57 7.03 -11.88
CA GLN A 139 -17.61 7.63 -10.50
C GLN A 139 -16.34 8.41 -10.26
N ALA A 140 -15.33 8.26 -11.12
CA ALA A 140 -14.00 8.95 -10.87
C ALA A 140 -13.58 9.85 -12.02
N GLU A 141 -13.02 11.02 -11.74
CA GLU A 141 -12.37 11.86 -12.75
C GLU A 141 -11.08 11.15 -13.23
N HIS A 142 -10.21 10.74 -12.31
CA HIS A 142 -8.94 10.14 -12.73
C HIS A 142 -8.90 8.62 -12.73
N LEU A 143 -8.17 8.04 -13.70
CA LEU A 143 -8.01 6.64 -13.77
C LEU A 143 -7.43 6.07 -12.47
N LYS A 144 -6.49 6.77 -11.83
CA LYS A 144 -5.88 6.20 -10.61
C LYS A 144 -6.93 5.92 -9.52
N THR A 145 -7.96 6.78 -9.43
CA THR A 145 -9.05 6.49 -8.46
C THR A 145 -9.82 5.23 -8.84
N ALA A 146 -10.18 5.08 -10.15
CA ALA A 146 -10.92 3.92 -10.61
C ALA A 146 -10.10 2.67 -10.37
N VAL A 147 -8.76 2.78 -10.59
CA VAL A 147 -7.91 1.57 -10.35
C VAL A 147 -7.91 1.14 -8.85
N GLN A 148 -7.85 2.13 -7.95
CA GLN A 148 -7.85 1.80 -6.51
C GLN A 148 -9.24 1.25 -6.11
N MET A 149 -10.31 1.77 -6.73
CA MET A 149 -11.67 1.22 -6.43
C MET A 149 -11.69 -0.20 -6.92
N ALA A 150 -11.07 -0.47 -8.08
CA ALA A 150 -11.04 -1.87 -8.56
C ALA A 150 -10.20 -2.80 -7.65
N VAL A 151 -9.09 -2.32 -7.10
CA VAL A 151 -8.31 -3.14 -6.12
C VAL A 151 -9.21 -3.47 -4.92
N PHE A 152 -9.93 -2.47 -4.47
CA PHE A 152 -10.71 -2.61 -3.26
C PHE A 152 -11.79 -3.72 -3.57
N ILE A 153 -12.48 -3.55 -4.67
CA ILE A 153 -13.55 -4.53 -5.00
C ILE A 153 -12.99 -5.95 -5.19
N HIS A 154 -11.92 -6.06 -5.94
CA HIS A 154 -11.26 -7.38 -6.12
C HIS A 154 -10.85 -8.05 -4.76
N ASN A 155 -10.22 -7.26 -3.86
CA ASN A 155 -9.66 -7.85 -2.65
C ASN A 155 -10.79 -8.19 -1.66
N HIS A 156 -11.92 -7.48 -1.79
CA HIS A 156 -13.03 -7.73 -0.81
C HIS A 156 -14.00 -8.80 -1.33
N LYS A 157 -13.95 -9.16 -2.61
CA LYS A 157 -14.98 -10.06 -3.22
C LYS A 157 -14.94 -11.46 -2.61
N ARG A 158 -16.08 -11.95 -2.11
CA ARG A 158 -16.06 -13.30 -1.57
C ARG A 158 -16.25 -14.29 -2.68
N LYS A 159 -15.44 -15.34 -2.79
CA LYS A 159 -15.68 -16.23 -3.96
C LYS A 159 -16.34 -17.56 -3.66
N GLY A 164 -17.62 -18.91 1.85
CA GLY A 164 -16.71 -18.18 0.93
C GLY A 164 -15.82 -17.05 1.51
N TYR A 165 -14.50 -17.11 1.29
CA TYR A 165 -13.57 -16.09 1.81
C TYR A 165 -13.10 -15.06 0.70
N SER A 166 -12.66 -13.88 1.13
CA SER A 166 -12.13 -12.91 0.14
C SER A 166 -10.60 -13.14 -0.05
N ALA A 167 -10.02 -12.56 -1.12
CA ALA A 167 -8.51 -12.63 -1.22
C ALA A 167 -7.88 -11.95 0.00
N GLY A 168 -8.42 -10.80 0.46
CA GLY A 168 -7.85 -10.11 1.67
C GLY A 168 -7.86 -10.98 2.92
N GLU A 169 -8.93 -11.78 3.06
CA GLU A 169 -8.95 -12.79 4.16
C GLU A 169 -7.93 -13.89 3.97
N ARG A 170 -7.79 -14.39 2.75
CA ARG A 170 -6.90 -15.50 2.48
C ARG A 170 -5.49 -15.05 2.75
N ILE A 171 -5.12 -13.86 2.25
CA ILE A 171 -3.66 -13.51 2.40
C ILE A 171 -3.32 -13.41 3.89
N VAL A 172 -4.16 -12.74 4.70
CA VAL A 172 -3.90 -12.62 6.16
C VAL A 172 -3.84 -14.04 6.85
N ASP A 173 -4.77 -14.93 6.48
CA ASP A 173 -4.79 -16.33 7.05
CA ASP A 173 -4.78 -16.30 7.07
C ASP A 173 -3.51 -17.10 6.68
N ILE A 174 -3.12 -17.01 5.41
CA ILE A 174 -1.93 -17.67 4.95
C ILE A 174 -0.70 -17.21 5.70
N ILE A 175 -0.46 -15.89 5.79
CA ILE A 175 0.72 -15.40 6.40
C ILE A 175 0.68 -15.63 7.89
N ALA A 176 -0.50 -15.51 8.53
CA ALA A 176 -0.53 -15.70 10.01
C ALA A 176 -0.19 -17.18 10.36
N THR A 177 -0.64 -18.10 9.54
CA THR A 177 -0.45 -19.53 9.74
C THR A 177 1.04 -19.79 9.65
N ASP A 178 1.69 -19.16 8.68
CA ASP A 178 3.14 -19.18 8.55
C ASP A 178 3.90 -18.59 9.76
N ILE A 179 3.50 -17.43 10.24
CA ILE A 179 4.16 -16.83 11.39
C ILE A 179 4.08 -17.77 12.61
N GLN A 180 2.97 -18.46 12.78
CA GLN A 180 2.66 -19.22 14.02
C GLN A 180 3.48 -20.52 14.13
N SER B 28 -11.30 -3.13 17.54
CA SER B 28 -9.79 -3.03 17.59
C SER B 28 -8.95 -3.44 16.35
N PRO B 29 -9.14 -4.66 15.81
CA PRO B 29 -8.43 -4.95 14.56
C PRO B 29 -8.68 -3.97 13.35
N GLY B 30 -9.79 -3.23 13.32
CA GLY B 30 -10.11 -2.39 12.13
C GLY B 30 -9.84 -0.88 12.42
N ILE B 31 -9.16 -0.54 13.53
N ILE B 31 -9.13 -0.55 13.51
CA ILE B 31 -9.01 0.90 13.91
CA ILE B 31 -9.01 0.87 13.87
C ILE B 31 -7.67 1.49 13.48
C ILE B 31 -7.67 1.49 13.48
N TRP B 32 -7.71 2.59 12.72
CA TRP B 32 -6.54 3.25 12.28
C TRP B 32 -6.59 4.75 12.64
N GLN B 33 -5.39 5.36 12.69
CA GLN B 33 -5.16 6.79 13.04
CA GLN B 33 -5.21 6.79 13.01
C GLN B 33 -4.34 7.45 11.95
N LEU B 34 -4.84 8.57 11.44
N LEU B 34 -4.85 8.55 11.40
CA LEU B 34 -4.04 9.34 10.47
CA LEU B 34 -4.10 9.35 10.41
C LEU B 34 -3.12 10.25 11.19
C LEU B 34 -3.14 10.26 11.16
N ASP B 35 -2.02 10.62 10.52
CA ASP B 35 -1.01 11.45 11.17
C ASP B 35 -0.26 12.17 10.08
N CYS B 36 0.04 13.44 10.27
CA CYS B 36 0.58 14.19 9.14
C CYS B 36 1.82 14.86 9.73
N THR B 37 2.96 14.74 9.10
CA THR B 37 4.19 15.36 9.65
C THR B 37 4.96 16.06 8.49
N HIS B 38 5.90 16.98 8.74
CA HIS B 38 6.52 17.68 7.62
C HIS B 38 8.02 17.48 7.58
N LEU B 39 8.59 17.45 6.37
CA LEU B 39 10.05 17.36 6.22
C LEU B 39 10.41 17.91 4.88
N GLU B 40 11.53 18.62 4.78
CA GLU B 40 11.98 19.15 3.47
C GLU B 40 10.93 19.96 2.73
N GLY B 41 10.08 20.70 3.48
CA GLY B 41 8.99 21.50 2.88
C GLY B 41 7.93 20.62 2.24
N LYS B 42 7.95 19.33 2.55
CA LYS B 42 6.84 18.48 2.02
C LYS B 42 6.08 17.89 3.21
N VAL B 43 5.02 17.14 2.89
CA VAL B 43 4.16 16.57 3.85
C VAL B 43 4.23 15.03 3.77
N ILE B 44 4.41 14.40 4.92
CA ILE B 44 4.37 12.91 4.95
C ILE B 44 3.03 12.58 5.63
N LEU B 45 2.18 11.86 4.93
N LEU B 45 2.16 11.88 4.89
CA LEU B 45 0.92 11.47 5.52
CA LEU B 45 0.89 11.37 5.43
C LEU B 45 1.07 10.02 5.92
C LEU B 45 1.10 9.97 5.93
N VAL B 46 0.63 9.68 7.15
CA VAL B 46 0.87 8.36 7.74
C VAL B 46 -0.46 7.80 8.24
N ALA B 47 -0.69 6.52 8.02
CA ALA B 47 -1.83 5.85 8.70
C ALA B 47 -1.23 4.84 9.63
N VAL B 48 -1.65 4.86 10.90
CA VAL B 48 -1.15 3.90 11.93
C VAL B 48 -2.28 2.96 12.33
N HIS B 49 -2.02 1.66 12.23
CA HIS B 49 -2.89 0.66 12.79
C HIS B 49 -2.64 0.62 14.29
N VAL B 50 -3.64 1.09 15.03
CA VAL B 50 -3.45 1.49 16.45
C VAL B 50 -2.99 0.30 17.29
N ALA B 51 -3.60 -0.86 17.08
CA ALA B 51 -3.29 -1.98 17.99
C ALA B 51 -1.93 -2.63 17.70
N SER B 52 -1.37 -2.50 16.49
CA SER B 52 -0.05 -3.11 16.17
C SER B 52 1.06 -2.11 16.03
N GLY B 53 0.79 -0.85 15.78
CA GLY B 53 1.84 0.09 15.39
C GLY B 53 2.31 0.00 13.93
N TYR B 54 1.69 -0.84 13.13
CA TYR B 54 2.08 -0.97 11.70
C TYR B 54 1.72 0.34 11.03
N ILE B 55 2.48 0.75 10.02
CA ILE B 55 2.07 1.95 9.25
C ILE B 55 2.12 1.85 7.75
N GLU B 56 1.40 2.75 7.08
CA GLU B 56 1.59 3.01 5.61
C GLU B 56 1.83 4.53 5.56
N ALA B 57 2.55 5.00 4.54
CA ALA B 57 2.82 6.44 4.51
C ALA B 57 3.00 6.83 3.05
N GLU B 58 2.81 8.16 2.73
CA GLU B 58 3.13 8.66 1.42
CA GLU B 58 3.12 8.66 1.42
C GLU B 58 3.65 10.09 1.57
N VAL B 59 4.38 10.57 0.56
CA VAL B 59 4.82 11.94 0.45
C VAL B 59 3.90 12.67 -0.55
N ILE B 60 3.32 13.80 -0.13
CA ILE B 60 2.45 14.68 -0.98
C ILE B 60 2.96 16.15 -0.83
N PRO B 61 2.70 17.01 -1.83
CA PRO B 61 3.21 18.40 -1.75
C PRO B 61 2.51 19.20 -0.63
N ALA B 62 1.25 18.87 -0.34
CA ALA B 62 0.49 19.55 0.70
C ALA B 62 -0.64 18.66 1.13
N GLU B 63 -1.12 18.80 2.36
CA GLU B 63 -2.26 17.95 2.75
C GLU B 63 -3.57 18.59 2.26
N THR B 64 -4.30 17.98 1.34
CA THR B 64 -5.56 18.47 0.94
C THR B 64 -6.57 17.35 1.21
N GLY B 65 -7.88 17.68 1.22
CA GLY B 65 -8.92 16.65 1.39
C GLY B 65 -8.85 15.65 0.23
N GLN B 66 -8.57 16.13 -0.97
CA GLN B 66 -8.48 15.17 -2.09
C GLN B 66 -7.27 14.16 -1.93
N GLU B 67 -6.12 14.65 -1.51
CA GLU B 67 -4.95 13.74 -1.25
C GLU B 67 -5.32 12.80 -0.14
N THR B 68 -5.94 13.34 0.94
CA THR B 68 -6.26 12.46 2.08
C THR B 68 -7.25 11.35 1.70
N ALA B 69 -8.24 11.74 0.92
CA ALA B 69 -9.29 10.81 0.48
C ALA B 69 -8.70 9.69 -0.37
N TYR B 70 -7.79 10.04 -1.27
CA TYR B 70 -7.19 9.04 -2.16
C TYR B 70 -6.34 8.05 -1.30
N PHE B 71 -5.57 8.60 -0.38
CA PHE B 71 -4.71 7.80 0.49
C PHE B 71 -5.65 6.80 1.26
N LEU B 72 -6.80 7.25 1.81
CA LEU B 72 -7.64 6.35 2.55
C LEU B 72 -8.31 5.26 1.64
N LEU B 73 -8.63 5.64 0.39
CA LEU B 73 -9.17 4.63 -0.59
C LEU B 73 -8.09 3.57 -0.76
N LYS B 74 -6.84 3.99 -1.00
CA LYS B 74 -5.76 2.99 -1.14
CA LYS B 74 -5.74 2.99 -1.14
C LYS B 74 -5.62 2.09 0.10
N LEU B 75 -5.59 2.70 1.29
CA LEU B 75 -5.39 1.92 2.51
C LEU B 75 -6.52 0.88 2.65
N ALA B 76 -7.77 1.33 2.49
CA ALA B 76 -8.90 0.44 2.69
C ALA B 76 -9.08 -0.68 1.62
N GLY B 77 -8.50 -0.53 0.41
CA GLY B 77 -8.50 -1.69 -0.49
C GLY B 77 -7.42 -2.72 -0.11
N ARG B 78 -6.46 -2.34 0.78
CA ARG B 78 -5.39 -3.25 1.21
C ARG B 78 -5.60 -3.91 2.58
N TRP B 79 -6.18 -3.21 3.56
CA TRP B 79 -6.46 -3.75 4.90
C TRP B 79 -7.91 -3.56 5.24
N PRO B 80 -8.46 -4.35 6.19
CA PRO B 80 -9.90 -4.20 6.50
C PRO B 80 -10.09 -3.02 7.44
N VAL B 81 -10.23 -1.84 6.90
CA VAL B 81 -10.27 -0.59 7.64
C VAL B 81 -11.77 -0.37 8.11
N LYS B 82 -12.07 -0.47 9.41
CA LYS B 82 -13.44 -0.21 9.86
C LYS B 82 -13.64 1.27 10.31
N THR B 83 -12.65 1.81 11.02
CA THR B 83 -12.66 3.19 11.54
C THR B 83 -11.36 3.93 11.30
N VAL B 84 -11.45 5.19 10.86
CA VAL B 84 -10.27 6.07 10.79
CA VAL B 84 -10.24 6.05 10.84
C VAL B 84 -10.48 7.27 11.71
N HIS B 85 -9.55 7.46 12.64
CA HIS B 85 -9.44 8.74 13.42
C HIS B 85 -8.62 9.71 12.62
N THR B 86 -9.29 10.77 12.15
CA THR B 86 -8.65 11.74 11.27
CA THR B 86 -8.68 11.73 11.29
C THR B 86 -7.60 12.54 12.08
N ASP B 87 -6.62 13.11 11.37
CA ASP B 87 -5.44 13.74 12.00
C ASP B 87 -5.76 15.20 12.43
N ASN B 88 -6.77 15.85 11.84
CA ASN B 88 -7.09 17.23 12.25
C ASN B 88 -8.55 17.48 11.82
N GLY B 89 -9.07 18.64 12.20
CA GLY B 89 -10.45 19.02 11.96
C GLY B 89 -10.75 19.28 10.48
N SER B 90 -9.80 19.76 9.71
CA SER B 90 -10.05 20.05 8.30
C SER B 90 -10.32 18.68 7.51
N ASN B 91 -9.49 17.64 7.78
CA ASN B 91 -9.79 16.27 7.18
C ASN B 91 -11.04 15.67 7.79
N PHE B 92 -11.34 15.98 9.04
CA PHE B 92 -12.64 15.52 9.56
C PHE B 92 -13.80 16.20 8.79
N THR B 93 -13.67 17.50 8.59
CA THR B 93 -14.72 18.31 7.95
C THR B 93 -14.87 18.01 6.43
N SER B 94 -13.75 17.79 5.74
CA SER B 94 -13.67 17.68 4.29
C SER B 94 -14.74 16.72 3.66
N THR B 95 -15.59 17.28 2.77
CA THR B 95 -16.70 16.41 2.21
C THR B 95 -16.02 15.33 1.31
N THR B 96 -14.88 15.69 0.66
CA THR B 96 -14.15 14.71 -0.13
C THR B 96 -13.63 13.54 0.70
N VAL B 97 -13.03 13.84 1.87
CA VAL B 97 -12.65 12.78 2.75
C VAL B 97 -13.93 12.00 3.18
N LYS B 98 -15.02 12.65 3.52
CA LYS B 98 -16.22 11.87 3.93
C LYS B 98 -16.73 10.97 2.77
N ALA B 99 -16.71 11.50 1.58
CA ALA B 99 -17.12 10.73 0.35
C ALA B 99 -16.24 9.48 0.19
N ALA B 100 -14.92 9.58 0.39
CA ALA B 100 -14.06 8.36 0.32
C ALA B 100 -14.38 7.43 1.40
N CYS B 101 -14.69 7.95 2.60
CA CYS B 101 -14.94 7.00 3.73
C CYS B 101 -16.31 6.30 3.40
N TRP B 102 -17.25 7.05 2.82
CA TRP B 102 -18.51 6.42 2.43
C TRP B 102 -18.22 5.31 1.37
N TRP B 103 -17.44 5.64 0.35
CA TRP B 103 -17.25 4.71 -0.74
C TRP B 103 -16.66 3.43 -0.19
N ALA B 104 -15.63 3.57 0.65
CA ALA B 104 -14.83 2.39 1.11
C ALA B 104 -15.41 1.73 2.39
N GLY B 105 -16.59 2.18 2.83
CA GLY B 105 -17.21 1.59 4.03
C GLY B 105 -16.46 1.90 5.35
N ILE B 106 -15.84 3.06 5.41
CA ILE B 106 -15.06 3.45 6.63
C ILE B 106 -15.90 4.37 7.50
N LYS B 107 -15.93 4.11 8.80
CA LYS B 107 -16.52 5.05 9.78
C LYS B 107 -15.48 6.17 10.04
N GLN B 108 -15.79 7.43 9.70
CA GLN B 108 -14.82 8.49 9.90
C GLN B 108 -15.02 9.09 11.26
N GLU B 109 -13.98 9.24 12.09
CA GLU B 109 -14.17 9.74 13.48
C GLU B 109 -13.16 10.89 13.67
N ASP B 110 -13.30 11.64 14.77
CA ASP B 110 -12.30 12.69 15.13
C ASP B 110 -11.03 12.01 15.72
N GLY B 111 -10.02 12.76 16.17
CA GLY B 111 -8.76 12.16 16.64
C GLY B 111 -8.44 12.80 17.97
N ILE B 112 -9.52 13.19 18.65
CA ILE B 112 -9.35 13.84 20.05
C ILE B 112 -8.60 12.82 20.96
N PRO B 113 -7.46 13.22 21.58
CA PRO B 113 -6.78 12.22 22.39
C PRO B 113 -7.47 12.07 23.79
N TYR B 114 -8.64 11.48 23.85
CA TYR B 114 -9.31 11.26 25.13
C TYR B 114 -8.35 10.45 26.03
N ASN B 115 -7.53 9.58 25.41
CA ASN B 115 -6.41 9.02 26.14
C ASN B 115 -5.18 9.84 25.82
N PRO B 116 -4.71 10.65 26.81
CA PRO B 116 -3.60 11.58 26.50
C PRO B 116 -2.36 10.79 26.04
N GLN B 117 -2.32 9.48 26.39
CA GLN B 117 -1.23 8.56 25.85
C GLN B 117 -1.01 8.62 24.31
N SER B 118 -2.11 8.78 23.55
CA SER B 118 -2.09 8.91 22.08
C SER B 118 -1.21 10.05 21.59
N GLN B 119 -1.39 11.24 22.14
CA GLN B 119 -0.54 12.37 21.78
C GLN B 119 0.93 11.92 21.83
N GLY B 120 1.36 11.32 22.96
CA GLY B 120 2.79 10.98 23.13
C GLY B 120 3.24 9.92 22.12
N VAL B 121 2.38 8.95 21.86
CA VAL B 121 2.73 7.82 20.95
C VAL B 121 2.98 8.38 19.54
N ILE B 122 2.09 9.24 19.06
N ILE B 122 2.10 9.25 19.04
CA ILE B 122 2.23 9.84 17.72
CA ILE B 122 2.28 9.77 17.67
C ILE B 122 3.51 10.64 17.56
C ILE B 122 3.54 10.66 17.54
N GLU B 123 3.77 11.52 18.53
CA GLU B 123 4.96 12.42 18.54
C GLU B 123 6.19 11.56 18.52
N SER B 124 6.18 10.48 19.30
CA SER B 124 7.35 9.61 19.38
C SER B 124 7.49 8.88 18.10
N MET B 125 6.37 8.40 17.55
CA MET B 125 6.48 7.78 16.22
C MET B 125 7.03 8.74 15.16
N ASN B 126 6.56 9.99 15.15
CA ASN B 126 7.06 10.92 14.16
C ASN B 126 8.56 11.14 14.31
N LYS B 127 9.01 11.25 15.57
CA LYS B 127 10.46 11.48 15.85
CA LYS B 127 10.46 11.46 15.79
C LYS B 127 11.26 10.26 15.36
N GLU B 128 10.77 9.05 15.68
CA GLU B 128 11.42 7.79 15.17
C GLU B 128 11.46 7.81 13.60
N LEU B 129 10.34 8.08 12.94
N LEU B 129 10.31 8.10 12.99
CA LEU B 129 10.38 8.03 11.44
CA LEU B 129 10.24 8.10 11.51
C LEU B 129 11.36 9.05 10.88
C LEU B 129 11.29 9.02 10.93
N LYS B 130 11.34 10.25 11.45
CA LYS B 130 12.30 11.26 10.95
C LYS B 130 13.77 10.83 11.19
N LYS B 131 14.01 10.17 12.28
CA LYS B 131 15.37 9.67 12.58
C LYS B 131 15.76 8.63 11.51
N ILE B 132 14.84 7.72 11.19
CA ILE B 132 15.15 6.69 10.15
C ILE B 132 15.37 7.31 8.83
N ILE B 133 14.48 8.24 8.45
CA ILE B 133 14.63 8.92 7.23
C ILE B 133 16.03 9.57 7.13
N GLY B 134 16.48 10.19 8.24
CA GLY B 134 17.85 10.77 8.20
C GLY B 134 18.94 9.73 8.02
N GLN B 135 18.79 8.53 8.58
CA GLN B 135 19.79 7.51 8.49
C GLN B 135 19.82 6.94 7.05
N VAL B 136 18.72 7.07 6.29
CA VAL B 136 18.71 6.53 4.89
C VAL B 136 18.81 7.60 3.86
N ARG B 137 18.69 8.88 4.30
CA ARG B 137 18.34 9.95 3.36
C ARG B 137 19.35 9.99 2.24
N ASP B 138 20.60 9.72 2.54
CA ASP B 138 21.59 9.84 1.49
C ASP B 138 21.74 8.57 0.50
N GLN B 139 21.02 7.48 0.78
CA GLN B 139 20.88 6.35 -0.22
C GLN B 139 19.86 6.65 -1.30
N ALA B 140 19.08 7.70 -1.13
CA ALA B 140 17.99 8.00 -2.12
C ALA B 140 18.06 9.43 -2.64
N GLU B 141 17.81 9.62 -3.93
CA GLU B 141 17.73 10.97 -4.49
C GLU B 141 16.43 11.66 -3.96
N HIS B 142 15.27 10.97 -4.03
CA HIS B 142 13.98 11.59 -3.69
C HIS B 142 13.50 11.24 -2.29
N LEU B 143 12.83 12.21 -1.64
CA LEU B 143 12.33 11.95 -0.33
C LEU B 143 11.32 10.76 -0.34
N LYS B 144 10.52 10.58 -1.41
CA LYS B 144 9.56 9.48 -1.38
C LYS B 144 10.21 8.13 -1.21
N THR B 145 11.37 7.93 -1.86
CA THR B 145 12.13 6.66 -1.62
C THR B 145 12.55 6.48 -0.17
N ALA B 146 13.13 7.53 0.46
CA ALA B 146 13.57 7.47 1.85
C ALA B 146 12.39 7.20 2.76
N VAL B 147 11.21 7.82 2.41
CA VAL B 147 10.03 7.54 3.33
C VAL B 147 9.56 6.07 3.23
N GLN B 148 9.59 5.51 2.02
CA GLN B 148 9.24 4.12 1.90
C GLN B 148 10.28 3.20 2.55
N MET B 149 11.57 3.59 2.48
CA MET B 149 12.61 2.77 3.19
C MET B 149 12.30 2.84 4.69
N ALA B 150 11.88 4.03 5.17
CA ALA B 150 11.55 4.13 6.64
C ALA B 150 10.31 3.36 7.04
N VAL B 151 9.28 3.36 6.17
CA VAL B 151 8.09 2.46 6.42
C VAL B 151 8.57 0.99 6.56
N PHE B 152 9.46 0.59 5.65
CA PHE B 152 9.93 -0.80 5.61
C PHE B 152 10.66 -1.09 6.98
N ILE B 153 11.53 -0.21 7.37
CA ILE B 153 12.34 -0.49 8.58
C ILE B 153 11.43 -0.50 9.80
N HIS B 154 10.50 0.45 9.85
CA HIS B 154 9.61 0.52 11.03
C HIS B 154 8.73 -0.75 11.15
N ASN B 155 8.16 -1.20 10.00
CA ASN B 155 7.24 -2.35 10.03
C ASN B 155 7.99 -3.66 10.30
N HIS B 156 9.28 -3.68 9.89
CA HIS B 156 10.01 -4.98 10.08
C HIS B 156 10.72 -5.05 11.43
N LYS B 157 10.82 -3.92 12.14
CA LYS B 157 11.68 -3.88 13.36
C LYS B 157 11.17 -4.80 14.46
N ARG B 158 12.01 -5.69 15.01
CA ARG B 158 11.49 -6.49 16.11
C ARG B 158 11.65 -5.73 17.43
N LYS B 159 10.62 -5.59 18.25
CA LYS B 159 10.81 -4.71 19.43
C LYS B 159 10.98 -5.47 20.73
N GLY B 164 10.39 -11.64 20.42
CA GLY B 164 10.25 -10.30 19.81
C GLY B 164 9.55 -10.26 18.44
N TYR B 165 8.38 -9.65 18.36
CA TYR B 165 7.59 -9.60 17.13
C TYR B 165 7.66 -8.21 16.42
N SER B 166 7.49 -8.19 15.10
CA SER B 166 7.46 -6.86 14.40
C SER B 166 6.00 -6.30 14.35
N ALA B 167 5.87 -5.00 14.00
CA ALA B 167 4.49 -4.44 13.79
C ALA B 167 3.83 -5.23 12.63
N GLY B 168 4.59 -5.58 11.58
CA GLY B 168 4.02 -6.32 10.42
C GLY B 168 3.46 -7.69 10.87
N GLU B 169 4.20 -8.31 11.81
CA GLU B 169 3.69 -9.61 12.35
C GLU B 169 2.47 -9.38 13.24
N ARG B 170 2.46 -8.30 14.00
CA ARG B 170 1.41 -8.11 14.93
C ARG B 170 0.13 -7.84 14.14
N ILE B 171 0.22 -7.03 13.09
CA ILE B 171 -1.12 -6.63 12.46
C ILE B 171 -1.74 -7.88 11.81
N VAL B 172 -0.92 -8.68 11.11
CA VAL B 172 -1.43 -9.95 10.53
C VAL B 172 -2.01 -10.91 11.60
N ASP B 173 -1.31 -11.08 12.72
CA ASP B 173 -1.84 -11.92 13.84
CA ASP B 173 -1.84 -11.95 13.79
C ASP B 173 -3.16 -11.38 14.39
N ILE B 174 -3.22 -10.08 14.60
CA ILE B 174 -4.44 -9.51 15.13
C ILE B 174 -5.64 -9.70 14.18
N ILE B 175 -5.46 -9.41 12.90
CA ILE B 175 -6.58 -9.53 11.98
C ILE B 175 -6.92 -11.00 11.77
N ALA B 176 -5.91 -11.90 11.72
CA ALA B 176 -6.25 -13.33 11.44
C ALA B 176 -7.07 -13.87 12.62
N THR B 177 -6.73 -13.44 13.81
CA THR B 177 -7.42 -13.86 15.04
C THR B 177 -8.87 -13.44 14.97
N ASP B 178 -9.09 -12.23 14.47
CA ASP B 178 -10.39 -11.69 14.28
C ASP B 178 -11.18 -12.42 13.16
N ILE B 179 -10.55 -12.77 12.04
CA ILE B 179 -11.22 -13.55 11.00
C ILE B 179 -11.66 -14.94 11.53
N GLN B 180 -10.88 -15.57 12.39
CA GLN B 180 -11.16 -16.96 12.82
C GLN B 180 -12.30 -17.06 13.84
N ALA C 1 23.15 8.63 -10.51
CA ALA C 1 23.44 9.61 -9.42
C ALA C 1 24.08 8.95 -8.20
N ARG C 2 24.46 7.70 -8.36
CA ARG C 2 24.88 6.82 -7.24
C ARG C 2 23.87 6.80 -6.06
N LYS C 3 22.59 6.64 -6.37
CA LYS C 3 21.52 6.46 -5.36
C LYS C 3 20.70 5.27 -5.75
N ILE C 4 19.99 4.67 -4.80
CA ILE C 4 19.19 3.44 -5.08
C ILE C 4 18.10 3.70 -6.13
N ASP C 5 17.56 4.93 -6.09
CA ASP C 5 16.50 5.33 -7.01
C ASP C 5 17.09 6.06 -8.19
N ASN C 6 18.40 6.21 -8.23
CA ASN C 6 19.04 6.83 -9.38
C ASN C 6 20.48 6.36 -9.42
N LEU C 7 20.63 5.20 -10.06
CA LEU C 7 21.91 4.48 -9.97
C LEU C 7 23.03 5.32 -10.60
N ASP C 8 22.67 6.08 -11.65
CA ASP C 8 23.58 7.07 -12.30
C ASP C 8 24.09 8.09 -11.29
N ALA D 1 -16.94 18.36 -9.93
CA ALA D 1 -17.19 17.71 -11.23
C ALA D 1 -18.16 16.52 -11.11
N ARG D 2 -18.89 16.44 -10.01
CA ARG D 2 -19.74 15.27 -9.64
C ARG D 2 -19.01 13.92 -9.66
N LYS D 3 -17.76 13.88 -9.20
CA LYS D 3 -17.00 12.61 -9.17
C LYS D 3 -16.52 12.41 -7.75
N ILE D 4 -16.30 11.18 -7.31
CA ILE D 4 -15.89 10.94 -5.91
C ILE D 4 -14.57 11.70 -5.58
N ASP D 5 -13.74 11.86 -6.63
CA ASP D 5 -12.39 12.45 -6.48
C ASP D 5 -12.41 13.88 -6.93
N ASN D 6 -13.57 14.35 -7.38
CA ASN D 6 -13.73 15.77 -7.68
C ASN D 6 -15.23 16.12 -7.54
N LEU D 7 -15.57 16.48 -6.30
CA LEU D 7 -16.98 16.58 -5.92
C LEU D 7 -17.65 17.66 -6.79
N ASP D 8 -16.85 18.69 -7.14
CA ASP D 8 -17.29 19.80 -8.02
C ASP D 8 -17.72 19.32 -9.40
S SO4 E . -2.71 -5.47 -22.06
O1 SO4 E . -3.02 -6.08 -23.35
O2 SO4 E . -3.35 -4.19 -21.96
O3 SO4 E . -3.13 -6.51 -21.11
O4 SO4 E . -1.27 -5.08 -21.97
S SO4 F . -6.37 10.87 -15.57
O1 SO4 F . -7.19 9.74 -15.84
O2 SO4 F . -5.67 10.99 -16.81
O3 SO4 F . -7.18 12.06 -15.28
O4 SO4 F . -5.44 10.65 -14.42
S SO4 G . 17.44 0.46 -15.35
O1 SO4 G . 16.10 -0.09 -15.56
O2 SO4 G . 18.53 -0.05 -16.12
O3 SO4 G . 17.13 1.89 -15.45
O4 SO4 G . 18.14 0.08 -14.13
S SO4 H . 1.44 0.04 -3.40
O1 SO4 H . 0.21 -0.41 -4.06
O2 SO4 H . 1.66 1.20 -4.22
O3 SO4 H . 1.21 0.54 -2.01
O4 SO4 H . 2.49 -1.08 -3.45
CL CL I . 5.24 1.15 -21.14
C ACY J . -9.19 -6.03 2.23
O ACY J . -9.75 -6.29 3.30
OXT ACY J . -8.74 -6.86 1.40
CH3 ACY J . -9.01 -4.59 1.97
S SO4 K . 5.68 18.32 12.30
O1 SO4 K . 6.59 18.24 11.22
O2 SO4 K . 4.40 18.74 11.68
O3 SO4 K . 5.48 17.05 13.04
O4 SO4 K . 6.12 19.28 13.30
S SO4 L . 12.49 15.07 -4.00
O1 SO4 L . 13.55 14.89 -5.00
O2 SO4 L . 11.31 14.23 -4.37
O3 SO4 L . 12.99 14.90 -2.66
O4 SO4 L . 12.05 16.44 -3.96
S SO4 M . -12.84 19.26 0.30
O1 SO4 M . -13.93 18.30 0.24
O2 SO4 M . -12.16 19.55 -0.95
O3 SO4 M . -13.73 20.26 0.75
O4 SO4 M . -11.69 18.91 1.13
S SO4 N . -0.60 3.68 0.54
O1 SO4 N . -0.37 2.57 -0.43
O2 SO4 N . -0.63 4.92 -0.18
O3 SO4 N . -1.90 3.55 1.38
O4 SO4 N . 0.60 3.76 1.41
CL CL O . -0.01 21.39 4.10
C ACY P . 6.23 -6.46 7.03
O ACY P . 6.25 -7.49 6.36
OXT ACY P . 5.46 -5.50 6.85
CH3 ACY P . 7.16 -6.39 8.15
#